data_2HHJ
#
_entry.id   2HHJ
#
_cell.length_a   48.692
_cell.length_b   71.555
_cell.length_c   159.194
_cell.angle_alpha   90.00
_cell.angle_beta   90.00
_cell.angle_gamma   90.00
#
_symmetry.space_group_name_H-M   'P 21 21 21'
#
loop_
_entity.id
_entity.type
_entity.pdbx_description
1 polymer 'Bisphosphoglycerate mutase'
2 non-polymer 'CYCLOHEXYLAMMONIUM ION'
3 non-polymer '(2R)-2,3-diphosphoglyceric acid'
4 non-polymer '3-PHOSPHOGLYCERIC ACID'
5 water water
#
_entity_poly.entity_id   1
_entity_poly.type   'polypeptide(L)'
_entity_poly.pdbx_seq_one_letter_code
;MSKYKLIMLR(NEP)GEGAWNKENRFCSWVDQKLNSEGMEEARNCGKQLKALNFEFDLVFTSVLNRSIHTAWLILEELGQ
EWVPVESSWRLNERHYGALIGLNREQMALNHGEEQVRLWRRSYNVTPPPIEESHPYYQEIYNDRRYKVCDVPLDQLPRSE
SLKDVLERLLPYWNERIAPEVLRGKTILISAHGNSSRALLKHLEGISDEDIINITLPTGVPILLELDENLRAVGPHQFLG
DQEAIQAAIKKVEDQGKVKQAKKLEHHHHHH
;
_entity_poly.pdbx_strand_id   A,B
#
# COMPACT_ATOMS: atom_id res chain seq x y z
N SER A 2 20.83 20.83 -13.12
CA SER A 2 20.07 19.64 -13.61
C SER A 2 18.57 19.87 -13.52
N LYS A 3 17.81 18.99 -14.17
CA LYS A 3 16.36 19.08 -14.17
C LYS A 3 15.78 17.78 -13.61
N TYR A 4 14.57 17.86 -13.07
CA TYR A 4 13.93 16.69 -12.48
C TYR A 4 12.48 16.58 -12.92
N LYS A 5 12.02 15.36 -13.12
CA LYS A 5 10.63 15.13 -13.51
C LYS A 5 9.92 14.30 -12.48
N LEU A 6 8.66 14.64 -12.23
CA LEU A 6 7.86 13.87 -11.30
C LEU A 6 6.48 13.71 -11.90
N ILE A 7 5.70 12.81 -11.30
CA ILE A 7 4.36 12.54 -11.78
C ILE A 7 3.37 12.82 -10.66
N MET A 8 2.31 13.55 -10.97
CA MET A 8 1.30 13.78 -9.95
C MET A 8 -0.03 13.49 -10.65
N LEU A 9 -1.06 13.18 -9.88
CA LEU A 9 -2.35 12.92 -10.49
C LEU A 9 -3.49 12.97 -9.49
N ARG A 10 -4.67 13.17 -10.04
CA ARG A 10 -5.89 13.20 -9.25
C ARG A 10 -6.42 11.77 -9.28
N GLY A 12 -8.57 8.25 -9.20
CA GLY A 12 -9.58 7.77 -10.12
C GLY A 12 -10.99 8.07 -9.63
N GLU A 13 -11.91 8.16 -10.56
CA GLU A 13 -13.31 8.45 -10.26
C GLU A 13 -13.93 7.64 -9.13
N GLY A 14 -14.79 8.31 -8.37
CA GLY A 14 -15.52 7.68 -7.27
C GLY A 14 -16.99 8.01 -7.49
N ALA A 15 -17.87 7.37 -6.72
CA ALA A 15 -19.31 7.60 -6.87
C ALA A 15 -19.71 9.07 -6.74
N TRP A 16 -19.08 9.79 -5.82
CA TRP A 16 -19.40 11.20 -5.61
C TRP A 16 -19.02 12.04 -6.82
N ASN A 17 -17.95 11.66 -7.52
CA ASN A 17 -17.53 12.39 -8.71
C ASN A 17 -18.60 12.18 -9.77
N LYS A 18 -19.00 10.93 -9.95
CA LYS A 18 -20.00 10.57 -10.93
C LYS A 18 -21.36 11.23 -10.63
N GLU A 19 -21.72 11.29 -9.35
CA GLU A 19 -23.00 11.85 -8.93
C GLU A 19 -22.98 13.38 -8.71
N ASN A 20 -21.81 13.98 -8.92
CA ASN A 20 -21.60 15.42 -8.78
C ASN A 20 -21.84 16.02 -7.40
N ARG A 21 -21.28 15.39 -6.37
CA ARG A 21 -21.41 15.88 -5.01
C ARG A 21 -20.03 16.20 -4.44
N PHE A 22 -19.90 17.35 -3.78
CA PHE A 22 -18.63 17.71 -3.15
C PHE A 22 -18.33 16.62 -2.12
N CYS A 23 -17.15 16.03 -2.21
CA CYS A 23 -16.79 14.93 -1.30
C CYS A 23 -15.73 15.36 -0.28
N SER A 24 -14.65 15.94 -0.77
CA SER A 24 -13.60 16.45 0.11
C SER A 24 -13.08 15.39 1.11
N TRP A 25 -13.14 15.69 2.40
CA TRP A 25 -12.64 14.77 3.41
C TRP A 25 -13.48 13.52 3.69
N VAL A 26 -14.64 13.39 3.04
CA VAL A 26 -15.43 12.18 3.21
C VAL A 26 -14.61 11.11 2.48
N ASP A 27 -14.41 9.98 3.14
CA ASP A 27 -13.57 8.92 2.59
C ASP A 27 -14.19 7.97 1.56
N GLN A 28 -14.68 8.53 0.45
CA GLN A 28 -15.31 7.73 -0.59
C GLN A 28 -14.29 6.82 -1.30
N LYS A 29 -14.76 5.67 -1.74
CA LYS A 29 -13.89 4.73 -2.45
C LYS A 29 -13.98 4.95 -3.94
N LEU A 30 -13.06 4.31 -4.67
CA LEU A 30 -13.09 4.40 -6.13
C LEU A 30 -14.28 3.56 -6.58
N ASN A 31 -14.86 3.90 -7.72
CA ASN A 31 -15.94 3.08 -8.26
C ASN A 31 -15.28 2.28 -9.39
N SER A 32 -16.04 1.47 -10.12
CA SER A 32 -15.44 0.65 -11.18
C SER A 32 -14.70 1.47 -12.22
N GLU A 33 -15.27 2.61 -12.61
CA GLU A 33 -14.65 3.48 -13.61
C GLU A 33 -13.32 4.03 -13.10
N GLY A 34 -13.29 4.39 -11.82
CA GLY A 34 -12.09 4.92 -11.21
C GLY A 34 -10.97 3.90 -11.11
N MET A 35 -11.32 2.65 -10.87
CA MET A 35 -10.31 1.59 -10.78
C MET A 35 -9.69 1.45 -12.15
N GLU A 36 -10.51 1.51 -13.19
CA GLU A 36 -10.00 1.41 -14.56
C GLU A 36 -9.10 2.61 -14.89
N GLU A 37 -9.51 3.79 -14.47
CA GLU A 37 -8.70 4.98 -14.73
C GLU A 37 -7.31 4.81 -14.10
N ALA A 38 -7.28 4.34 -12.86
CA ALA A 38 -6.01 4.15 -12.17
C ALA A 38 -5.15 3.10 -12.89
N ARG A 39 -5.76 1.99 -13.28
CA ARG A 39 -5.01 0.95 -13.98
C ARG A 39 -4.47 1.49 -15.31
N ASN A 40 -5.27 2.31 -16.00
CA ASN A 40 -4.81 2.87 -17.27
C ASN A 40 -3.60 3.78 -17.06
N CYS A 41 -3.61 4.53 -15.95
CA CYS A 41 -2.48 5.39 -15.62
C CYS A 41 -1.24 4.51 -15.43
N GLY A 42 -1.42 3.37 -14.77
CA GLY A 42 -0.30 2.46 -14.55
C GLY A 42 0.24 1.94 -15.86
N LYS A 43 -0.66 1.63 -16.79
CA LYS A 43 -0.25 1.11 -18.10
C LYS A 43 0.52 2.16 -18.88
N GLN A 44 0.10 3.42 -18.79
CA GLN A 44 0.81 4.48 -19.49
C GLN A 44 2.21 4.65 -18.92
N LEU A 45 2.31 4.64 -17.59
CA LEU A 45 3.60 4.80 -16.95
C LEU A 45 4.50 3.60 -17.23
N LYS A 46 3.92 2.43 -17.42
CA LYS A 46 4.72 1.24 -17.73
C LYS A 46 5.27 1.39 -19.14
N ALA A 47 4.46 1.93 -20.04
CA ALA A 47 4.88 2.13 -21.43
C ALA A 47 6.09 3.06 -21.46
N LEU A 48 6.15 4.00 -20.53
CA LEU A 48 7.24 4.95 -20.44
C LEU A 48 8.41 4.41 -19.61
N ASN A 49 8.28 3.17 -19.15
CA ASN A 49 9.31 2.51 -18.36
C ASN A 49 9.61 3.24 -17.05
N PHE A 50 8.58 3.81 -16.43
CA PHE A 50 8.78 4.50 -15.16
C PHE A 50 9.18 3.51 -14.08
N GLU A 51 10.15 3.92 -13.27
CA GLU A 51 10.63 3.11 -12.17
C GLU A 51 10.62 4.01 -10.94
N PHE A 52 9.51 3.97 -10.22
CA PHE A 52 9.35 4.80 -9.04
C PHE A 52 10.22 4.38 -7.86
N ASP A 53 10.64 5.37 -7.09
CA ASP A 53 11.46 5.16 -5.92
C ASP A 53 10.62 5.41 -4.66
N LEU A 54 9.66 6.33 -4.77
CA LEU A 54 8.82 6.68 -3.64
C LEU A 54 7.44 7.16 -4.12
N VAL A 55 6.42 6.89 -3.33
CA VAL A 55 5.06 7.31 -3.64
C VAL A 55 4.49 8.06 -2.43
N PHE A 56 3.87 9.21 -2.68
CA PHE A 56 3.25 10.00 -1.62
C PHE A 56 1.77 10.10 -1.92
N THR A 57 0.94 9.91 -0.90
CA THR A 57 -0.51 9.97 -1.07
C THR A 57 -1.14 10.72 0.09
N SER A 58 -2.46 10.90 0.04
CA SER A 58 -3.17 11.55 1.14
C SER A 58 -3.62 10.40 2.03
N VAL A 59 -4.39 10.69 3.08
CA VAL A 59 -4.87 9.61 3.93
C VAL A 59 -6.29 9.22 3.54
N LEU A 60 -6.78 9.78 2.45
CA LEU A 60 -8.11 9.43 1.93
C LEU A 60 -7.85 8.20 1.06
N ASN A 61 -8.58 7.11 1.33
CA ASN A 61 -8.33 5.86 0.62
C ASN A 61 -8.38 5.90 -0.91
N ARG A 62 -9.13 6.83 -1.48
CA ARG A 62 -9.19 6.88 -2.94
C ARG A 62 -7.83 7.19 -3.56
N SER A 63 -7.00 7.97 -2.88
CA SER A 63 -5.67 8.30 -3.42
C SER A 63 -4.71 7.14 -3.18
N ILE A 64 -4.92 6.42 -2.09
CA ILE A 64 -4.08 5.27 -1.75
C ILE A 64 -4.35 4.13 -2.72
N HIS A 65 -5.63 3.82 -2.95
CA HIS A 65 -6.00 2.76 -3.88
C HIS A 65 -5.57 3.08 -5.30
N THR A 66 -5.61 4.36 -5.68
CA THR A 66 -5.17 4.74 -7.01
C THR A 66 -3.69 4.39 -7.14
N ALA A 67 -2.91 4.72 -6.11
CA ALA A 67 -1.48 4.42 -6.12
C ALA A 67 -1.23 2.91 -6.14
N TRP A 68 -1.97 2.15 -5.34
CA TRP A 68 -1.80 0.70 -5.30
C TRP A 68 -2.07 0.06 -6.67
N LEU A 69 -3.09 0.54 -7.38
CA LEU A 69 -3.42 -0.01 -8.69
C LEU A 69 -2.32 0.32 -9.69
N ILE A 70 -1.76 1.53 -9.58
CA ILE A 70 -0.68 1.93 -10.46
C ILE A 70 0.54 1.07 -10.20
N LEU A 71 0.89 0.87 -8.93
CA LEU A 71 2.05 0.05 -8.60
C LEU A 71 1.87 -1.38 -9.05
N GLU A 72 0.65 -1.92 -8.97
CA GLU A 72 0.43 -3.29 -9.40
C GLU A 72 0.65 -3.41 -10.91
N GLU A 73 0.14 -2.46 -11.67
CA GLU A 73 0.32 -2.48 -13.11
C GLU A 73 1.80 -2.42 -13.48
N LEU A 74 2.59 -1.73 -12.65
CA LEU A 74 4.02 -1.59 -12.88
C LEU A 74 4.83 -2.73 -12.29
N GLY A 75 4.21 -3.53 -11.43
CA GLY A 75 4.93 -4.62 -10.78
C GLY A 75 5.92 -4.01 -9.79
N GLN A 76 5.52 -2.88 -9.20
CA GLN A 76 6.35 -2.15 -8.26
C GLN A 76 5.69 -1.97 -6.88
N GLU A 77 4.94 -2.99 -6.46
CA GLU A 77 4.25 -2.94 -5.17
C GLU A 77 5.18 -2.79 -3.97
N TRP A 78 6.46 -3.10 -4.16
CA TRP A 78 7.46 -3.00 -3.09
C TRP A 78 7.94 -1.56 -2.85
N VAL A 79 7.63 -0.66 -3.79
CA VAL A 79 8.06 0.74 -3.67
C VAL A 79 7.42 1.40 -2.45
N PRO A 80 8.24 2.05 -1.60
CA PRO A 80 7.71 2.71 -0.41
C PRO A 80 6.61 3.73 -0.66
N VAL A 81 5.56 3.65 0.16
CA VAL A 81 4.44 4.57 0.09
C VAL A 81 4.35 5.31 1.42
N GLU A 82 4.08 6.60 1.36
CA GLU A 82 3.90 7.42 2.56
C GLU A 82 2.61 8.22 2.36
N SER A 83 1.74 8.19 3.36
CA SER A 83 0.46 8.89 3.28
C SER A 83 0.35 9.97 4.35
N SER A 84 -0.14 11.14 3.96
CA SER A 84 -0.26 12.27 4.88
C SER A 84 -1.52 13.09 4.66
N TRP A 85 -2.12 13.58 5.75
CA TRP A 85 -3.30 14.41 5.63
C TRP A 85 -2.95 15.71 4.90
N ARG A 86 -1.66 16.05 4.86
CA ARG A 86 -1.28 17.28 4.18
C ARG A 86 -1.47 17.23 2.68
N LEU A 87 -1.76 16.05 2.14
CA LEU A 87 -2.05 15.91 0.72
C LEU A 87 -3.55 15.69 0.51
N ASN A 88 -4.31 15.69 1.61
CA ASN A 88 -5.77 15.53 1.54
C ASN A 88 -6.37 16.60 0.65
N GLU A 89 -7.51 16.28 0.04
CA GLU A 89 -8.19 17.24 -0.81
C GLU A 89 -8.60 18.43 0.07
N ARG A 90 -8.80 19.58 -0.55
CA ARG A 90 -9.21 20.79 0.17
C ARG A 90 -10.49 20.49 0.94
N HIS A 91 -10.56 20.98 2.18
CA HIS A 91 -11.75 20.77 3.02
C HIS A 91 -12.86 21.71 2.56
N TYR A 92 -13.95 21.15 2.04
CA TYR A 92 -15.07 21.94 1.55
C TYR A 92 -16.08 22.41 2.59
N GLY A 93 -15.78 22.17 3.87
CA GLY A 93 -16.67 22.61 4.92
C GLY A 93 -18.12 22.17 4.76
N ALA A 94 -19.04 23.11 4.95
CA ALA A 94 -20.47 22.82 4.85
C ALA A 94 -20.92 22.39 3.46
N LEU A 95 -20.12 22.64 2.45
CA LEU A 95 -20.48 22.26 1.08
C LEU A 95 -20.37 20.75 0.86
N ILE A 96 -19.68 20.06 1.76
CA ILE A 96 -19.52 18.61 1.64
C ILE A 96 -20.88 17.93 1.59
N GLY A 97 -21.04 17.04 0.62
CA GLY A 97 -22.28 16.30 0.45
C GLY A 97 -23.30 16.97 -0.46
N LEU A 98 -23.10 18.26 -0.73
CA LEU A 98 -24.02 18.99 -1.60
C LEU A 98 -23.68 18.81 -3.08
N ASN A 99 -24.71 18.83 -3.91
CA ASN A 99 -24.57 18.67 -5.35
C ASN A 99 -24.08 19.99 -5.97
N ARG A 100 -23.00 19.91 -6.75
CA ARG A 100 -22.41 21.10 -7.37
C ARG A 100 -23.36 21.87 -8.27
N GLU A 101 -24.16 21.16 -9.05
CA GLU A 101 -25.10 21.81 -9.95
C GLU A 101 -26.22 22.48 -9.15
N GLN A 102 -26.64 21.83 -8.08
CA GLN A 102 -27.67 22.38 -7.20
C GLN A 102 -27.13 23.69 -6.63
N MET A 103 -25.84 23.73 -6.29
CA MET A 103 -25.28 24.94 -5.73
C MET A 103 -25.26 26.05 -6.78
N ALA A 104 -25.06 25.68 -8.05
CA ALA A 104 -25.05 26.65 -9.13
C ALA A 104 -26.46 27.23 -9.29
N LEU A 105 -27.47 26.39 -9.17
CA LEU A 105 -28.86 26.85 -9.30
C LEU A 105 -29.25 27.71 -8.10
N ASN A 106 -28.78 27.34 -6.92
CA ASN A 106 -29.10 28.07 -5.70
C ASN A 106 -28.31 29.36 -5.51
N HIS A 107 -27.04 29.33 -5.88
CA HIS A 107 -26.17 30.49 -5.67
C HIS A 107 -25.58 31.16 -6.90
N GLY A 108 -25.82 30.58 -8.08
CA GLY A 108 -25.28 31.17 -9.29
C GLY A 108 -23.94 30.58 -9.67
N GLU A 109 -23.65 30.54 -10.97
CA GLU A 109 -22.40 29.99 -11.47
C GLU A 109 -21.16 30.74 -10.98
N GLU A 110 -21.25 32.07 -10.90
CA GLU A 110 -20.12 32.86 -10.46
C GLU A 110 -19.65 32.50 -9.06
N GLN A 111 -20.59 32.42 -8.12
CA GLN A 111 -20.25 32.09 -6.74
C GLN A 111 -19.67 30.68 -6.64
N VAL A 112 -20.26 29.74 -7.35
CA VAL A 112 -19.77 28.37 -7.33
C VAL A 112 -18.35 28.29 -7.89
N ARG A 113 -18.07 29.08 -8.93
CA ARG A 113 -16.74 29.09 -9.52
C ARG A 113 -15.74 29.63 -8.50
N LEU A 114 -16.15 30.62 -7.70
CA LEU A 114 -15.25 31.16 -6.68
C LEU A 114 -15.00 30.10 -5.61
N TRP A 115 -16.06 29.44 -5.16
CA TRP A 115 -15.91 28.41 -4.13
C TRP A 115 -14.98 27.29 -4.59
N ARG A 116 -15.18 26.84 -5.82
CA ARG A 116 -14.39 25.73 -6.36
C ARG A 116 -12.95 26.02 -6.78
N ARG A 117 -12.76 27.13 -7.48
CA ARG A 117 -11.44 27.43 -8.03
C ARG A 117 -10.65 28.65 -7.58
N SER A 118 -11.27 29.54 -6.80
CA SER A 118 -10.54 30.73 -6.37
C SER A 118 -9.46 30.36 -5.36
N TYR A 119 -8.53 31.26 -5.14
CA TYR A 119 -7.44 31.04 -4.22
C TYR A 119 -7.79 31.42 -2.78
N ASN A 120 -8.44 32.57 -2.63
CA ASN A 120 -8.76 33.10 -1.30
C ASN A 120 -10.13 32.86 -0.68
N VAL A 121 -11.12 32.47 -1.47
CA VAL A 121 -12.44 32.27 -0.88
C VAL A 121 -12.49 31.01 -0.01
N THR A 122 -13.04 31.16 1.18
CA THR A 122 -13.13 30.06 2.14
C THR A 122 -14.57 29.55 2.25
N PRO A 123 -14.76 28.22 2.10
CA PRO A 123 -16.12 27.68 2.20
C PRO A 123 -16.63 27.84 3.63
N PRO A 124 -17.97 27.84 3.80
CA PRO A 124 -18.47 27.96 5.17
C PRO A 124 -17.95 26.75 5.93
N PRO A 125 -17.57 26.92 7.20
CA PRO A 125 -17.06 25.79 7.97
C PRO A 125 -18.09 24.70 8.23
N ILE A 126 -17.64 23.46 8.33
CA ILE A 126 -18.54 22.35 8.61
C ILE A 126 -18.86 22.37 10.11
N GLU A 127 -20.15 22.22 10.43
CA GLU A 127 -20.61 22.24 11.82
C GLU A 127 -20.92 20.82 12.31
N GLU A 128 -20.95 20.66 13.63
CA GLU A 128 -21.23 19.36 14.23
C GLU A 128 -22.57 18.79 13.78
N SER A 129 -23.48 19.67 13.37
CA SER A 129 -24.81 19.25 12.91
C SER A 129 -24.78 18.72 11.49
N HIS A 130 -23.66 18.90 10.81
CA HIS A 130 -23.53 18.45 9.43
C HIS A 130 -23.56 16.91 9.38
N PRO A 131 -24.28 16.35 8.39
CA PRO A 131 -24.42 14.90 8.20
C PRO A 131 -23.10 14.11 8.13
N TYR A 132 -22.02 14.75 7.70
CA TYR A 132 -20.75 14.05 7.60
C TYR A 132 -19.66 14.49 8.58
N TYR A 133 -20.03 15.30 9.57
CA TYR A 133 -19.07 15.77 10.55
C TYR A 133 -18.46 14.63 11.37
N GLN A 134 -19.34 13.83 11.97
CA GLN A 134 -18.92 12.72 12.81
C GLN A 134 -17.95 11.74 12.17
N GLU A 135 -18.32 11.18 11.02
CA GLU A 135 -17.46 10.20 10.37
C GLU A 135 -16.10 10.76 9.96
N ILE A 136 -16.00 12.07 9.82
CA ILE A 136 -14.71 12.66 9.46
C ILE A 136 -13.84 12.81 10.71
N TYR A 137 -14.34 13.54 11.70
CA TYR A 137 -13.57 13.77 12.91
C TYR A 137 -13.50 12.66 13.96
N ASN A 138 -14.24 11.58 13.74
CA ASN A 138 -14.19 10.45 14.66
C ASN A 138 -13.23 9.39 14.16
N ASP A 139 -12.73 9.56 12.94
CA ASP A 139 -11.81 8.60 12.35
C ASP A 139 -10.42 8.65 12.98
N ARG A 140 -9.90 7.48 13.34
CA ARG A 140 -8.59 7.36 13.98
C ARG A 140 -7.42 7.96 13.18
N ARG A 141 -7.53 8.00 11.86
CA ARG A 141 -6.45 8.54 11.05
C ARG A 141 -6.17 10.01 11.39
N TYR A 142 -7.16 10.70 11.95
CA TYR A 142 -6.99 12.10 12.32
C TYR A 142 -6.65 12.31 13.79
N LYS A 143 -6.40 11.22 14.50
CA LYS A 143 -6.02 11.29 15.90
C LYS A 143 -4.52 11.12 16.00
N VAL A 144 -3.92 10.69 14.91
CA VAL A 144 -2.48 10.46 14.86
C VAL A 144 -1.74 11.34 13.85
N CYS A 145 -2.33 12.48 13.50
CA CYS A 145 -1.71 13.41 12.56
C CYS A 145 -0.69 14.24 13.31
N ASP A 146 0.09 15.04 12.58
CA ASP A 146 1.10 15.90 13.21
C ASP A 146 0.46 17.16 13.77
N VAL A 147 -0.85 17.21 13.73
CA VAL A 147 -1.63 18.33 14.25
C VAL A 147 -2.79 17.73 15.05
N PRO A 148 -3.06 18.26 16.25
CA PRO A 148 -4.15 17.75 17.09
C PRO A 148 -5.50 17.75 16.36
N LEU A 149 -6.33 16.76 16.69
CA LEU A 149 -7.65 16.64 16.07
C LEU A 149 -8.41 17.97 16.13
N ASP A 150 -8.38 18.61 17.29
CA ASP A 150 -9.08 19.87 17.50
C ASP A 150 -8.55 21.02 16.64
N GLN A 151 -7.32 20.89 16.15
CA GLN A 151 -6.70 21.94 15.34
C GLN A 151 -6.83 21.73 13.84
N LEU A 152 -7.32 20.56 13.41
CA LEU A 152 -7.49 20.30 11.99
C LEU A 152 -8.54 21.27 11.43
N PRO A 153 -8.42 21.64 10.16
CA PRO A 153 -9.39 22.56 9.59
C PRO A 153 -10.83 22.05 9.49
N ARG A 154 -11.77 22.99 9.49
CA ARG A 154 -13.18 22.68 9.35
C ARG A 154 -13.65 23.18 7.97
N SER A 155 -12.74 23.84 7.26
CA SER A 155 -12.94 24.34 5.89
C SER A 155 -11.63 24.99 5.45
N GLU A 156 -11.38 25.00 4.14
CA GLU A 156 -10.14 25.57 3.62
C GLU A 156 -10.25 26.27 2.27
N SER A 157 -9.56 27.40 2.14
CA SER A 157 -9.49 28.10 0.86
C SER A 157 -8.31 27.39 0.20
N LEU A 158 -8.09 27.60 -1.10
CA LEU A 158 -6.96 26.96 -1.75
C LEU A 158 -5.67 27.45 -1.08
N LYS A 159 -5.68 28.70 -0.64
CA LYS A 159 -4.51 29.26 0.05
C LYS A 159 -4.26 28.48 1.34
N ASP A 160 -5.32 28.18 2.07
CA ASP A 160 -5.16 27.41 3.31
C ASP A 160 -4.53 26.07 2.97
N VAL A 161 -4.98 25.46 1.88
CA VAL A 161 -4.44 24.16 1.48
C VAL A 161 -2.94 24.25 1.23
N LEU A 162 -2.52 25.24 0.46
CA LEU A 162 -1.10 25.37 0.17
C LEU A 162 -0.30 25.59 1.46
N GLU A 163 -0.88 26.32 2.40
CA GLU A 163 -0.20 26.59 3.66
C GLU A 163 0.10 25.32 4.46
N ARG A 164 -0.75 24.30 4.37
CA ARG A 164 -0.47 23.08 5.10
C ARG A 164 0.17 22.01 4.22
N LEU A 165 0.14 22.20 2.91
CA LEU A 165 0.75 21.25 1.98
C LEU A 165 2.21 21.61 1.68
N LEU A 166 2.49 22.90 1.54
CA LEU A 166 3.84 23.36 1.23
C LEU A 166 4.92 22.83 2.15
N PRO A 167 4.68 22.84 3.48
CA PRO A 167 5.71 22.32 4.39
C PRO A 167 6.04 20.85 4.13
N TYR A 168 5.01 20.08 3.77
CA TYR A 168 5.18 18.66 3.50
C TYR A 168 5.97 18.48 2.21
N TRP A 169 5.66 19.28 1.20
CA TRP A 169 6.39 19.21 -0.06
C TRP A 169 7.86 19.56 0.17
N ASN A 170 8.11 20.72 0.77
CA ASN A 170 9.48 21.15 1.00
C ASN A 170 10.30 20.23 1.91
N GLU A 171 9.69 19.76 2.99
CA GLU A 171 10.40 18.92 3.94
C GLU A 171 10.51 17.43 3.69
N ARG A 172 9.54 16.85 2.99
CA ARG A 172 9.57 15.42 2.76
C ARG A 172 9.57 14.94 1.32
N ILE A 173 9.08 15.75 0.38
CA ILE A 173 9.08 15.31 -1.02
C ILE A 173 10.22 15.92 -1.82
N ALA A 174 10.34 17.24 -1.76
CA ALA A 174 11.38 17.98 -2.49
C ALA A 174 12.81 17.44 -2.28
N PRO A 175 13.18 17.06 -1.04
CA PRO A 175 14.55 16.56 -0.86
C PRO A 175 14.83 15.32 -1.72
N GLU A 176 13.81 14.48 -1.88
CA GLU A 176 13.94 13.27 -2.68
C GLU A 176 14.07 13.63 -4.16
N VAL A 177 13.32 14.64 -4.58
CA VAL A 177 13.38 15.08 -5.96
C VAL A 177 14.80 15.58 -6.26
N LEU A 178 15.37 16.33 -5.32
CA LEU A 178 16.73 16.86 -5.49
C LEU A 178 17.78 15.77 -5.48
N ARG A 179 17.42 14.60 -4.96
CA ARG A 179 18.32 13.45 -4.91
C ARG A 179 18.18 12.62 -6.18
N GLY A 180 17.40 13.14 -7.12
CA GLY A 180 17.20 12.46 -8.39
C GLY A 180 16.25 11.27 -8.33
N LYS A 181 15.47 11.18 -7.26
CA LYS A 181 14.52 10.08 -7.12
C LYS A 181 13.28 10.31 -7.97
N THR A 182 12.68 9.21 -8.43
CA THR A 182 11.48 9.25 -9.26
C THR A 182 10.27 9.12 -8.34
N ILE A 183 9.51 10.21 -8.25
CA ILE A 183 8.37 10.30 -7.37
C ILE A 183 6.99 10.34 -8.01
N LEU A 184 6.03 9.72 -7.32
CA LEU A 184 4.64 9.72 -7.74
C LEU A 184 3.85 10.36 -6.60
N ILE A 185 3.05 11.37 -6.92
CA ILE A 185 2.19 12.01 -5.93
C ILE A 185 0.76 11.71 -6.35
N SER A 186 0.12 10.82 -5.59
CA SER A 186 -1.26 10.42 -5.86
C SER A 186 -2.12 11.24 -4.91
N ALA A 187 -2.79 12.25 -5.43
CA ALA A 187 -3.58 13.12 -4.58
C ALA A 187 -4.98 13.45 -5.08
N HIS A 188 -5.36 14.72 -4.97
CA HIS A 188 -6.70 15.16 -5.33
C HIS A 188 -6.70 16.39 -6.22
N GLY A 189 -7.89 16.77 -6.69
CA GLY A 189 -8.00 17.91 -7.57
C GLY A 189 -7.41 19.20 -7.03
N ASN A 190 -7.92 19.66 -5.89
CA ASN A 190 -7.44 20.92 -5.34
C ASN A 190 -6.10 20.88 -4.62
N SER A 191 -5.78 19.78 -3.96
CA SER A 191 -4.47 19.72 -3.32
C SER A 191 -3.40 19.71 -4.42
N SER A 192 -3.69 19.07 -5.55
CA SER A 192 -2.75 19.06 -6.66
C SER A 192 -2.67 20.46 -7.29
N ARG A 193 -3.82 21.13 -7.42
CA ARG A 193 -3.82 22.49 -7.98
C ARG A 193 -2.99 23.42 -7.11
N ALA A 194 -3.07 23.25 -5.79
CA ALA A 194 -2.31 24.08 -4.88
C ALA A 194 -0.82 23.90 -5.10
N LEU A 195 -0.37 22.66 -5.25
CA LEU A 195 1.05 22.40 -5.46
C LEU A 195 1.47 22.94 -6.81
N LEU A 196 0.66 22.75 -7.85
CA LEU A 196 0.99 23.26 -9.17
C LEU A 196 1.10 24.79 -9.17
N LYS A 197 0.21 25.44 -8.43
CA LYS A 197 0.23 26.90 -8.36
C LYS A 197 1.59 27.35 -7.83
N HIS A 198 2.06 26.65 -6.81
CA HIS A 198 3.34 26.98 -6.20
C HIS A 198 4.53 26.70 -7.11
N LEU A 199 4.63 25.47 -7.61
CA LEU A 199 5.75 25.09 -8.46
C LEU A 199 5.83 25.83 -9.79
N GLU A 200 4.68 26.18 -10.37
CA GLU A 200 4.66 26.89 -11.66
C GLU A 200 4.58 28.40 -11.52
N GLY A 201 4.47 28.89 -10.30
CA GLY A 201 4.37 30.33 -10.08
C GLY A 201 3.12 30.93 -10.68
N ILE A 202 2.02 30.21 -10.62
CA ILE A 202 0.75 30.70 -11.17
C ILE A 202 0.17 31.75 -10.22
N SER A 203 -0.29 32.87 -10.77
CA SER A 203 -0.84 33.95 -9.98
C SER A 203 -2.14 33.57 -9.26
N ASP A 204 -2.47 34.31 -8.21
CA ASP A 204 -3.69 34.05 -7.45
C ASP A 204 -4.90 34.12 -8.37
N GLU A 205 -4.83 34.96 -9.39
CA GLU A 205 -5.92 35.12 -10.34
C GLU A 205 -6.01 34.03 -11.41
N ASP A 206 -4.86 33.65 -11.98
CA ASP A 206 -4.86 32.64 -13.04
C ASP A 206 -5.13 31.21 -12.58
N ILE A 207 -4.90 30.91 -11.31
CA ILE A 207 -5.13 29.55 -10.84
C ILE A 207 -6.60 29.15 -10.93
N ILE A 208 -7.49 30.13 -10.97
CA ILE A 208 -8.92 29.86 -11.05
C ILE A 208 -9.32 29.12 -12.33
N ASN A 209 -8.50 29.26 -13.37
CA ASN A 209 -8.80 28.61 -14.65
C ASN A 209 -8.14 27.24 -14.85
N ILE A 210 -7.43 26.77 -13.83
CA ILE A 210 -6.78 25.47 -13.91
C ILE A 210 -7.70 24.40 -13.33
N THR A 211 -8.06 23.42 -14.15
CA THR A 211 -8.93 22.32 -13.72
C THR A 211 -8.25 20.98 -14.06
N LEU A 212 -8.29 20.06 -13.10
CA LEU A 212 -7.66 18.75 -13.30
C LEU A 212 -8.70 17.64 -13.31
N PRO A 213 -8.65 16.76 -14.31
CA PRO A 213 -9.59 15.66 -14.42
C PRO A 213 -9.07 14.46 -13.61
N THR A 214 -9.95 13.53 -13.28
CA THR A 214 -9.54 12.36 -12.53
C THR A 214 -8.78 11.36 -13.39
N GLY A 215 -7.86 10.64 -12.77
CA GLY A 215 -7.12 9.60 -13.47
C GLY A 215 -6.33 9.93 -14.72
N VAL A 216 -5.64 11.07 -14.69
CA VAL A 216 -4.81 11.48 -15.82
C VAL A 216 -3.44 11.88 -15.27
N PRO A 217 -2.36 11.19 -15.69
CA PRO A 217 -1.04 11.55 -15.19
C PRO A 217 -0.66 12.97 -15.57
N ILE A 218 -0.11 13.69 -14.60
CA ILE A 218 0.32 15.06 -14.81
C ILE A 218 1.85 15.06 -14.77
N LEU A 219 2.46 15.46 -15.88
CA LEU A 219 3.91 15.51 -16.00
C LEU A 219 4.40 16.91 -15.66
N LEU A 220 5.40 16.99 -14.79
CA LEU A 220 5.96 18.29 -14.41
C LEU A 220 7.46 18.17 -14.29
N GLU A 221 8.17 19.12 -14.90
CA GLU A 221 9.62 19.14 -14.85
C GLU A 221 10.06 20.34 -14.01
N LEU A 222 11.01 20.12 -13.12
CA LEU A 222 11.51 21.18 -12.26
C LEU A 222 12.99 21.43 -12.52
N ASP A 223 13.44 22.65 -12.26
CA ASP A 223 14.84 22.99 -12.46
C ASP A 223 15.60 22.80 -11.15
N GLU A 224 16.86 23.24 -11.12
CA GLU A 224 17.69 23.08 -9.93
C GLU A 224 17.14 23.81 -8.70
N ASN A 225 16.27 24.79 -8.92
CA ASN A 225 15.69 25.54 -7.80
C ASN A 225 14.31 24.99 -7.46
N LEU A 226 13.98 23.85 -8.05
CA LEU A 226 12.71 23.18 -7.83
C LEU A 226 11.49 23.97 -8.27
N ARG A 227 11.62 24.73 -9.35
CA ARG A 227 10.51 25.49 -9.91
C ARG A 227 10.28 24.93 -11.30
N ALA A 228 9.04 24.99 -11.77
CA ALA A 228 8.66 24.45 -13.07
C ALA A 228 9.47 25.02 -14.25
N VAL A 229 9.96 24.13 -15.09
CA VAL A 229 10.72 24.51 -16.28
C VAL A 229 9.74 25.00 -17.34
N GLY A 230 8.55 24.39 -17.31
CA GLY A 230 7.48 24.73 -18.24
C GLY A 230 6.16 24.32 -17.62
N PRO A 231 5.02 24.64 -18.25
CA PRO A 231 3.70 24.28 -17.71
C PRO A 231 3.51 22.77 -17.54
N HIS A 232 2.64 22.36 -16.62
CA HIS A 232 2.39 20.94 -16.42
C HIS A 232 1.73 20.41 -17.68
N GLN A 233 1.90 19.11 -17.93
CA GLN A 233 1.32 18.48 -19.11
C GLN A 233 0.53 17.24 -18.73
N PHE A 234 -0.53 16.97 -19.48
CA PHE A 234 -1.36 15.80 -19.23
C PHE A 234 -0.96 14.69 -20.18
N LEU A 235 -0.78 13.48 -19.65
CA LEU A 235 -0.38 12.34 -20.45
C LEU A 235 -1.60 11.58 -20.98
N GLY A 236 -1.69 11.45 -22.30
CA GLY A 236 -2.80 10.74 -22.90
C GLY A 236 -3.39 11.46 -24.10
N ASP A 237 -4.58 11.03 -24.51
CA ASP A 237 -5.27 11.64 -25.65
C ASP A 237 -5.75 13.03 -25.24
N GLN A 238 -5.15 14.06 -25.87
CA GLN A 238 -5.48 15.43 -25.53
C GLN A 238 -6.95 15.82 -25.71
N GLU A 239 -7.59 15.30 -26.76
CA GLU A 239 -9.01 15.61 -26.98
C GLU A 239 -9.83 15.06 -25.83
N ALA A 240 -9.56 13.80 -25.47
CA ALA A 240 -10.29 13.15 -24.38
C ALA A 240 -10.04 13.87 -23.06
N ILE A 241 -8.79 14.27 -22.84
CA ILE A 241 -8.43 14.96 -21.62
C ILE A 241 -9.14 16.31 -21.53
N GLN A 242 -9.19 17.05 -22.64
CA GLN A 242 -9.85 18.34 -22.63
C GLN A 242 -11.36 18.15 -22.42
N ALA A 243 -11.90 17.07 -22.95
CA ALA A 243 -13.33 16.79 -22.79
C ALA A 243 -13.62 16.51 -21.31
N ALA A 244 -12.70 15.81 -20.66
CA ALA A 244 -12.86 15.49 -19.24
C ALA A 244 -12.76 16.77 -18.40
N ILE A 245 -11.85 17.65 -18.79
CA ILE A 245 -11.69 18.91 -18.09
C ILE A 245 -12.98 19.72 -18.22
N LYS A 246 -13.56 19.71 -19.42
CA LYS A 246 -14.81 20.45 -19.65
C LYS A 246 -15.92 19.85 -18.78
N LYS A 247 -15.90 18.54 -18.63
CA LYS A 247 -16.90 17.85 -17.81
C LYS A 247 -16.82 18.32 -16.37
N VAL A 248 -15.60 18.47 -15.85
CA VAL A 248 -15.42 18.92 -14.48
C VAL A 248 -15.90 20.37 -14.35
N GLU A 249 -15.57 21.21 -15.33
CA GLU A 249 -15.99 22.60 -15.29
C GLU A 249 -17.51 22.67 -15.33
N ASP A 250 -18.12 21.84 -16.18
CA ASP A 250 -19.57 21.83 -16.32
C ASP A 250 -20.35 21.34 -15.10
N GLN A 251 -19.67 20.70 -14.15
CA GLN A 251 -20.32 20.23 -12.93
C GLN A 251 -20.89 21.42 -12.17
N GLY A 252 -20.27 22.58 -12.35
CA GLY A 252 -20.71 23.77 -11.65
C GLY A 252 -21.51 24.74 -12.50
N LYS A 253 -22.08 24.25 -13.60
CA LYS A 253 -22.86 25.09 -14.49
C LYS A 253 -24.30 24.66 -14.64
N VAL A 254 -25.15 25.62 -14.98
CA VAL A 254 -26.57 25.38 -15.18
C VAL A 254 -26.79 24.83 -16.59
N LYS A 255 -27.68 23.84 -16.70
CA LYS A 255 -27.98 23.25 -17.99
C LYS A 255 -28.45 24.33 -18.96
N GLN A 256 -28.07 24.20 -20.22
CA GLN A 256 -28.46 25.18 -21.24
C GLN A 256 -29.17 24.51 -22.42
N SER B 2 -1.47 -10.66 28.44
CA SER B 2 -0.09 -10.33 27.98
C SER B 2 0.08 -8.82 27.85
N LYS B 3 1.32 -8.36 27.93
CA LYS B 3 1.61 -6.93 27.83
C LYS B 3 1.45 -6.44 26.40
N TYR B 4 1.89 -7.24 25.43
CA TYR B 4 1.79 -6.85 24.03
C TYR B 4 1.13 -7.95 23.20
N LYS B 5 0.58 -7.55 22.06
CA LYS B 5 -0.06 -8.49 21.15
C LYS B 5 0.30 -8.08 19.73
N LEU B 6 0.59 -9.05 18.88
CA LEU B 6 0.90 -8.74 17.50
C LEU B 6 0.25 -9.80 16.62
N ILE B 7 0.03 -9.45 15.36
CA ILE B 7 -0.57 -10.36 14.42
C ILE B 7 0.40 -10.64 13.28
N MET B 8 0.55 -11.90 12.93
CA MET B 8 1.40 -12.24 11.81
C MET B 8 0.64 -13.29 11.01
N LEU B 9 0.97 -13.42 9.73
CA LEU B 9 0.30 -14.41 8.91
C LEU B 9 1.03 -14.70 7.63
N ARG B 10 0.70 -15.86 7.07
CA ARG B 10 1.24 -16.28 5.79
C ARG B 10 0.30 -15.66 4.76
N GLY B 12 -2.05 -14.87 1.45
CA GLY B 12 -3.15 -15.65 0.91
C GLY B 12 -2.68 -16.52 -0.25
N GLU B 13 -3.46 -17.55 -0.58
CA GLU B 13 -3.12 -18.45 -1.67
C GLU B 13 -2.73 -17.77 -2.97
N GLY B 14 -1.68 -18.29 -3.61
CA GLY B 14 -1.21 -17.75 -4.87
C GLY B 14 -1.26 -18.86 -5.91
N ALA B 15 -1.03 -18.51 -7.17
CA ALA B 15 -1.07 -19.48 -8.25
C ALA B 15 -0.23 -20.73 -8.00
N TRP B 16 0.99 -20.54 -7.51
CA TRP B 16 1.88 -21.68 -7.25
C TRP B 16 1.51 -22.50 -6.03
N ASN B 17 0.75 -21.94 -5.10
CA ASN B 17 0.34 -22.72 -3.94
C ASN B 17 -0.65 -23.75 -4.49
N LYS B 18 -1.54 -23.27 -5.35
CA LYS B 18 -2.56 -24.13 -5.95
C LYS B 18 -1.93 -25.17 -6.87
N GLU B 19 -0.94 -24.74 -7.66
CA GLU B 19 -0.25 -25.64 -8.59
C GLU B 19 0.70 -26.59 -7.86
N ASN B 20 0.92 -26.30 -6.57
CA ASN B 20 1.81 -27.09 -5.71
C ASN B 20 3.26 -27.10 -6.17
N ARG B 21 3.80 -25.92 -6.43
CA ARG B 21 5.18 -25.75 -6.85
C ARG B 21 5.93 -24.86 -5.87
N PHE B 22 7.17 -25.22 -5.54
CA PHE B 22 7.98 -24.41 -4.65
C PHE B 22 8.13 -23.05 -5.36
N CYS B 23 7.72 -21.98 -4.69
CA CYS B 23 7.77 -20.64 -5.29
C CYS B 23 8.90 -19.79 -4.74
N SER B 24 8.95 -19.66 -3.41
CA SER B 24 10.03 -18.93 -2.77
C SER B 24 10.18 -17.48 -3.29
N TRP B 25 11.37 -17.13 -3.76
CA TRP B 25 11.61 -15.77 -4.24
C TRP B 25 10.99 -15.42 -5.60
N VAL B 26 10.37 -16.38 -6.27
CA VAL B 26 9.68 -16.08 -7.53
C VAL B 26 8.48 -15.25 -7.10
N ASP B 27 8.29 -14.10 -7.73
CA ASP B 27 7.23 -13.17 -7.38
C ASP B 27 5.82 -13.46 -7.88
N GLN B 28 5.30 -14.66 -7.62
CA GLN B 28 3.95 -15.00 -8.08
C GLN B 28 2.89 -14.22 -7.31
N LYS B 29 1.76 -13.98 -7.96
CA LYS B 29 0.67 -13.22 -7.35
C LYS B 29 -0.39 -14.07 -6.68
N LEU B 30 -1.27 -13.41 -5.94
CA LEU B 30 -2.37 -14.10 -5.28
C LEU B 30 -3.33 -14.52 -6.38
N ASN B 31 -4.13 -15.55 -6.12
CA ASN B 31 -5.14 -15.95 -7.10
C ASN B 31 -6.46 -15.54 -6.47
N SER B 32 -7.58 -15.81 -7.14
CA SER B 32 -8.87 -15.40 -6.59
C SER B 32 -9.12 -15.96 -5.20
N GLU B 33 -8.72 -17.21 -4.98
CA GLU B 33 -8.90 -17.83 -3.68
C GLU B 33 -8.08 -17.14 -2.59
N GLY B 34 -6.86 -16.76 -2.93
CA GLY B 34 -5.99 -16.08 -1.97
C GLY B 34 -6.49 -14.70 -1.62
N MET B 35 -7.09 -14.02 -2.59
CA MET B 35 -7.62 -12.68 -2.36
C MET B 35 -8.75 -12.80 -1.35
N GLU B 36 -9.56 -13.84 -1.53
CA GLU B 36 -10.68 -14.11 -0.63
C GLU B 36 -10.13 -14.43 0.77
N GLU B 37 -9.06 -15.21 0.84
CA GLU B 37 -8.48 -15.54 2.13
C GLU B 37 -8.01 -14.26 2.82
N ALA B 38 -7.38 -13.37 2.07
CA ALA B 38 -6.89 -12.12 2.65
C ALA B 38 -8.04 -11.28 3.15
N ARG B 39 -9.12 -11.20 2.38
CA ARG B 39 -10.27 -10.42 2.80
C ARG B 39 -10.89 -11.02 4.05
N ASN B 40 -10.99 -12.35 4.12
CA ASN B 40 -11.55 -12.98 5.31
C ASN B 40 -10.67 -12.72 6.52
N CYS B 41 -9.36 -12.60 6.31
CA CYS B 41 -8.44 -12.29 7.39
C CYS B 41 -8.82 -10.90 7.92
N GLY B 42 -8.97 -9.96 7.00
CA GLY B 42 -9.33 -8.61 7.38
C GLY B 42 -10.64 -8.56 8.14
N LYS B 43 -11.61 -9.34 7.68
CA LYS B 43 -12.92 -9.37 8.34
C LYS B 43 -12.80 -9.95 9.74
N GLN B 44 -11.97 -10.98 9.89
CA GLN B 44 -11.78 -11.59 11.21
C GLN B 44 -11.10 -10.61 12.15
N LEU B 45 -10.12 -9.87 11.64
CA LEU B 45 -9.42 -8.90 12.47
C LEU B 45 -10.34 -7.74 12.84
N LYS B 46 -11.22 -7.34 11.92
CA LYS B 46 -12.13 -6.24 12.22
C LYS B 46 -13.10 -6.69 13.32
N ALA B 47 -13.55 -7.93 13.25
CA ALA B 47 -14.47 -8.49 14.23
C ALA B 47 -13.87 -8.50 15.62
N LEU B 48 -12.54 -8.45 15.69
CA LEU B 48 -11.82 -8.48 16.96
C LEU B 48 -11.26 -7.11 17.36
N ASN B 49 -11.71 -6.07 16.66
CA ASN B 49 -11.33 -4.69 16.93
C ASN B 49 -9.87 -4.33 16.70
N PHE B 50 -9.16 -5.05 15.85
CA PHE B 50 -7.75 -4.69 15.65
C PHE B 50 -7.56 -3.38 14.93
N GLU B 51 -6.73 -2.53 15.52
CA GLU B 51 -6.41 -1.23 14.95
C GLU B 51 -4.89 -1.17 14.83
N PHE B 52 -4.39 -1.44 13.63
CA PHE B 52 -2.97 -1.44 13.40
C PHE B 52 -2.35 -0.06 13.33
N ASP B 53 -1.09 0.03 13.75
CA ASP B 53 -0.33 1.27 13.75
C ASP B 53 0.78 1.20 12.70
N LEU B 54 1.20 -0.02 12.38
CA LEU B 54 2.27 -0.23 11.40
C LEU B 54 2.14 -1.64 10.83
N VAL B 55 2.49 -1.79 9.56
CA VAL B 55 2.44 -3.08 8.89
C VAL B 55 3.80 -3.36 8.27
N PHE B 56 4.28 -4.59 8.42
CA PHE B 56 5.56 -5.01 7.86
C PHE B 56 5.30 -6.16 6.90
N THR B 57 5.94 -6.11 5.73
CA THR B 57 5.78 -7.15 4.73
C THR B 57 7.12 -7.47 4.09
N SER B 58 7.12 -8.47 3.21
CA SER B 58 8.34 -8.82 2.48
C SER B 58 8.27 -7.98 1.21
N VAL B 59 9.23 -8.15 0.31
CA VAL B 59 9.19 -7.40 -0.94
C VAL B 59 8.55 -8.22 -2.06
N LEU B 60 8.02 -9.39 -1.69
CA LEU B 60 7.32 -10.24 -2.66
C LEU B 60 5.88 -9.72 -2.66
N ASN B 61 5.36 -9.43 -3.86
CA ASN B 61 4.03 -8.82 -3.92
C ASN B 61 2.87 -9.58 -3.29
N ARG B 62 2.95 -10.90 -3.20
CA ARG B 62 1.85 -11.64 -2.58
C ARG B 62 1.66 -11.26 -1.11
N SER B 63 2.75 -10.94 -0.42
CA SER B 63 2.62 -10.54 0.98
C SER B 63 2.09 -9.11 1.07
N ILE B 64 2.50 -8.26 0.13
CA ILE B 64 2.07 -6.87 0.10
C ILE B 64 0.58 -6.78 -0.24
N HIS B 65 0.14 -7.51 -1.27
CA HIS B 65 -1.26 -7.50 -1.64
C HIS B 65 -2.15 -8.06 -0.53
N THR B 66 -1.63 -9.05 0.20
CA THR B 66 -2.41 -9.61 1.30
C THR B 66 -2.62 -8.51 2.34
N ALA B 67 -1.58 -7.73 2.62
CA ALA B 67 -1.68 -6.64 3.59
C ALA B 67 -2.66 -5.58 3.11
N TRP B 68 -2.57 -5.23 1.83
CA TRP B 68 -3.46 -4.22 1.26
C TRP B 68 -4.94 -4.61 1.35
N LEU B 69 -5.24 -5.88 1.12
CA LEU B 69 -6.61 -6.36 1.19
C LEU B 69 -7.10 -6.34 2.64
N ILE B 70 -6.21 -6.70 3.56
CA ILE B 70 -6.57 -6.69 4.97
C ILE B 70 -6.87 -5.25 5.39
N LEU B 71 -5.99 -4.33 5.03
CA LEU B 71 -6.19 -2.93 5.39
C LEU B 71 -7.49 -2.38 4.81
N GLU B 72 -7.84 -2.79 3.59
CA GLU B 72 -9.07 -2.30 2.98
C GLU B 72 -10.28 -2.78 3.78
N GLU B 73 -10.29 -4.05 4.17
CA GLU B 73 -11.40 -4.59 4.94
C GLU B 73 -11.54 -3.87 6.28
N LEU B 74 -10.40 -3.45 6.84
CA LEU B 74 -10.38 -2.75 8.13
C LEU B 74 -10.62 -1.24 7.99
N GLY B 75 -10.57 -0.73 6.77
CA GLY B 75 -10.75 0.70 6.57
C GLY B 75 -9.51 1.41 7.13
N GLN B 76 -8.37 0.72 7.05
CA GLN B 76 -7.11 1.25 7.57
C GLN B 76 -6.02 1.37 6.50
N GLU B 77 -6.42 1.68 5.27
CA GLU B 77 -5.45 1.80 4.18
C GLU B 77 -4.38 2.87 4.41
N TRP B 78 -4.64 3.81 5.33
CA TRP B 78 -3.70 4.89 5.64
C TRP B 78 -2.57 4.45 6.58
N VAL B 79 -2.69 3.27 7.18
CA VAL B 79 -1.65 2.79 8.11
C VAL B 79 -0.34 2.54 7.36
N PRO B 80 0.77 3.06 7.90
CA PRO B 80 2.09 2.91 7.28
C PRO B 80 2.51 1.46 7.04
N VAL B 81 3.05 1.23 5.85
CA VAL B 81 3.53 -0.09 5.45
C VAL B 81 5.03 0.00 5.17
N GLU B 82 5.79 -0.97 5.66
CA GLU B 82 7.23 -1.04 5.42
C GLU B 82 7.52 -2.45 4.90
N SER B 83 8.35 -2.54 3.86
CA SER B 83 8.68 -3.83 3.27
C SER B 83 10.18 -4.10 3.27
N SER B 84 10.55 -5.35 3.46
CA SER B 84 11.97 -5.73 3.48
C SER B 84 12.21 -7.15 2.98
N TRP B 85 13.31 -7.34 2.28
CA TRP B 85 13.64 -8.66 1.78
C TRP B 85 13.89 -9.61 2.95
N ARG B 86 14.15 -9.05 4.13
CA ARG B 86 14.42 -9.88 5.29
C ARG B 86 13.21 -10.66 5.79
N LEU B 87 12.03 -10.35 5.23
CA LEU B 87 10.80 -11.06 5.58
C LEU B 87 10.42 -11.97 4.42
N ASN B 88 11.23 -11.95 3.35
CA ASN B 88 11.00 -12.79 2.18
C ASN B 88 10.94 -14.27 2.60
N GLU B 89 10.22 -15.07 1.82
CA GLU B 89 10.13 -16.49 2.11
C GLU B 89 11.52 -17.12 2.00
N ARG B 90 11.71 -18.26 2.67
CA ARG B 90 12.98 -18.97 2.62
C ARG B 90 13.33 -19.23 1.16
N HIS B 91 14.60 -19.05 0.82
CA HIS B 91 15.08 -19.27 -0.54
C HIS B 91 15.27 -20.76 -0.77
N TYR B 92 14.41 -21.34 -1.63
CA TYR B 92 14.47 -22.77 -1.92
C TYR B 92 15.54 -23.18 -2.93
N GLY B 93 16.31 -22.20 -3.41
CA GLY B 93 17.38 -22.51 -4.36
C GLY B 93 16.92 -23.26 -5.59
N ALA B 94 17.68 -24.30 -5.96
CA ALA B 94 17.37 -25.11 -7.14
C ALA B 94 16.00 -25.78 -7.12
N LEU B 95 15.40 -25.92 -5.95
CA LEU B 95 14.09 -26.56 -5.84
C LEU B 95 12.95 -25.67 -6.36
N ILE B 96 13.24 -24.38 -6.52
CA ILE B 96 12.23 -23.44 -7.01
C ILE B 96 11.64 -23.90 -8.34
N GLY B 97 10.31 -23.89 -8.41
CA GLY B 97 9.63 -24.29 -9.64
C GLY B 97 9.21 -25.74 -9.70
N LEU B 98 9.82 -26.58 -8.88
CA LEU B 98 9.49 -28.01 -8.89
C LEU B 98 8.18 -28.32 -8.16
N ASN B 99 7.50 -29.36 -8.61
CA ASN B 99 6.24 -29.78 -8.01
C ASN B 99 6.53 -30.64 -6.77
N ARG B 100 5.96 -30.26 -5.64
CA ARG B 100 6.19 -30.97 -4.38
C ARG B 100 5.77 -32.44 -4.40
N GLU B 101 4.59 -32.72 -4.94
CA GLU B 101 4.10 -34.09 -5.00
C GLU B 101 4.98 -34.93 -5.92
N GLN B 102 5.38 -34.35 -7.05
CA GLN B 102 6.24 -35.05 -7.99
C GLN B 102 7.54 -35.41 -7.29
N MET B 103 8.07 -34.49 -6.50
CA MET B 103 9.31 -34.73 -5.78
C MET B 103 9.14 -35.85 -4.75
N ALA B 104 7.96 -35.94 -4.15
CA ALA B 104 7.69 -36.98 -3.16
C ALA B 104 7.63 -38.34 -3.86
N LEU B 105 7.05 -38.34 -5.06
CA LEU B 105 6.93 -39.57 -5.84
C LEU B 105 8.31 -40.07 -6.27
N ASN B 106 9.16 -39.14 -6.67
CA ASN B 106 10.51 -39.48 -7.13
C ASN B 106 11.56 -39.71 -6.04
N HIS B 107 11.44 -39.03 -4.92
CA HIS B 107 12.43 -39.15 -3.85
C HIS B 107 11.92 -39.69 -2.51
N GLY B 108 10.61 -39.78 -2.36
CA GLY B 108 10.05 -40.28 -1.11
C GLY B 108 9.50 -39.16 -0.26
N GLU B 109 8.33 -39.38 0.35
CA GLU B 109 7.71 -38.37 1.19
C GLU B 109 8.62 -37.86 2.29
N GLU B 110 9.37 -38.77 2.92
CA GLU B 110 10.28 -38.40 4.00
C GLU B 110 11.35 -37.42 3.54
N GLN B 111 11.86 -37.63 2.33
CA GLN B 111 12.91 -36.75 1.79
C GLN B 111 12.36 -35.35 1.59
N VAL B 112 11.16 -35.25 1.05
CA VAL B 112 10.54 -33.96 0.81
C VAL B 112 10.23 -33.26 2.13
N ARG B 113 9.74 -34.02 3.11
CA ARG B 113 9.42 -33.45 4.41
C ARG B 113 10.68 -32.85 5.03
N LEU B 114 11.81 -33.54 4.85
CA LEU B 114 13.08 -33.06 5.37
C LEU B 114 13.43 -31.72 4.71
N TRP B 115 13.36 -31.67 3.39
CA TRP B 115 13.69 -30.43 2.68
C TRP B 115 12.78 -29.27 3.07
N ARG B 116 11.50 -29.56 3.24
CA ARG B 116 10.53 -28.53 3.58
C ARG B 116 10.57 -27.99 5.00
N ARG B 117 10.69 -28.88 5.98
CA ARG B 117 10.65 -28.46 7.38
C ARG B 117 11.91 -28.50 8.23
N SER B 118 13.00 -29.08 7.72
CA SER B 118 14.24 -29.14 8.49
C SER B 118 14.69 -27.73 8.88
N TYR B 119 15.33 -27.63 10.05
CA TYR B 119 15.84 -26.35 10.50
C TYR B 119 17.23 -26.11 9.92
N ASN B 120 18.03 -27.16 9.86
CA ASN B 120 19.41 -27.07 9.38
C ASN B 120 19.74 -27.36 7.91
N VAL B 121 18.94 -28.17 7.22
CA VAL B 121 19.27 -28.48 5.84
C VAL B 121 19.09 -27.34 4.85
N THR B 122 20.17 -27.00 4.17
CA THR B 122 20.19 -25.94 3.18
C THR B 122 19.99 -26.52 1.78
N PRO B 123 18.97 -26.04 1.06
CA PRO B 123 18.70 -26.54 -0.30
C PRO B 123 19.87 -26.24 -1.22
N PRO B 124 20.01 -26.98 -2.33
CA PRO B 124 21.12 -26.69 -3.24
C PRO B 124 20.90 -25.29 -3.79
N PRO B 125 21.97 -24.50 -3.93
CA PRO B 125 21.87 -23.13 -4.44
C PRO B 125 21.29 -23.07 -5.86
N ILE B 126 20.54 -22.01 -6.15
CA ILE B 126 19.98 -21.86 -7.49
C ILE B 126 21.14 -21.37 -8.36
N GLU B 127 21.24 -21.88 -9.57
CA GLU B 127 22.31 -21.50 -10.49
C GLU B 127 21.79 -20.71 -11.67
N GLU B 128 22.69 -20.06 -12.41
CA GLU B 128 22.30 -19.25 -13.56
C GLU B 128 21.56 -20.02 -14.63
N SER B 129 21.70 -21.34 -14.63
CA SER B 129 21.03 -22.18 -15.62
C SER B 129 19.58 -22.48 -15.24
N HIS B 130 19.21 -22.12 -14.02
CA HIS B 130 17.85 -22.35 -13.54
C HIS B 130 16.87 -21.42 -14.27
N PRO B 131 15.70 -21.95 -14.64
CA PRO B 131 14.65 -21.22 -15.37
C PRO B 131 14.18 -19.91 -14.71
N TYR B 132 14.33 -19.81 -13.39
CA TYR B 132 13.88 -18.61 -12.69
C TYR B 132 14.98 -17.77 -12.04
N TYR B 133 16.23 -18.03 -12.41
CA TYR B 133 17.34 -17.27 -11.85
C TYR B 133 17.31 -15.82 -12.30
N GLN B 134 17.23 -15.61 -13.61
CA GLN B 134 17.22 -14.27 -14.20
C GLN B 134 16.18 -13.31 -13.66
N GLU B 135 14.92 -13.73 -13.62
CA GLU B 135 13.87 -12.84 -13.14
C GLU B 135 14.00 -12.47 -11.66
N ILE B 136 14.73 -13.27 -10.91
CA ILE B 136 14.93 -12.99 -9.49
C ILE B 136 16.05 -11.97 -9.28
N TYR B 137 17.24 -12.30 -9.75
CA TYR B 137 18.39 -11.43 -9.55
C TYR B 137 18.52 -10.21 -10.45
N ASN B 138 17.64 -10.08 -11.44
CA ASN B 138 17.68 -8.92 -12.32
C ASN B 138 16.60 -7.91 -11.90
N ASP B 139 15.83 -8.27 -10.90
CA ASP B 139 14.76 -7.40 -10.41
C ASP B 139 15.30 -6.22 -9.61
N ARG B 140 14.81 -5.02 -9.93
CA ARG B 140 15.27 -3.81 -9.26
C ARG B 140 15.11 -3.79 -7.75
N ARG B 141 14.13 -4.52 -7.22
CA ARG B 141 13.94 -4.51 -5.78
C ARG B 141 15.13 -5.10 -5.04
N TYR B 142 15.93 -5.91 -5.74
CA TYR B 142 17.09 -6.52 -5.12
C TYR B 142 18.37 -5.74 -5.37
N LYS B 143 18.23 -4.59 -6.01
CA LYS B 143 19.38 -3.73 -6.28
C LYS B 143 19.40 -2.63 -5.22
N VAL B 144 18.30 -2.52 -4.48
CA VAL B 144 18.19 -1.51 -3.44
C VAL B 144 17.98 -2.08 -2.03
N CYS B 145 18.56 -3.24 -1.76
CA CYS B 145 18.45 -3.87 -0.44
C CYS B 145 19.60 -3.39 0.43
N ASP B 146 19.55 -3.70 1.74
CA ASP B 146 20.60 -3.28 2.64
C ASP B 146 21.88 -4.11 2.46
N VAL B 147 21.87 -4.97 1.45
CA VAL B 147 23.04 -5.80 1.14
C VAL B 147 23.13 -5.90 -0.37
N PRO B 148 24.36 -5.87 -0.92
CA PRO B 148 24.61 -5.95 -2.36
C PRO B 148 23.95 -7.17 -3.02
N LEU B 149 23.54 -6.99 -4.28
CA LEU B 149 22.89 -8.06 -5.04
C LEU B 149 23.69 -9.36 -5.03
N ASP B 150 25.00 -9.24 -5.15
CA ASP B 150 25.88 -10.41 -5.17
C ASP B 150 25.94 -11.11 -3.81
N GLN B 151 25.54 -10.40 -2.76
CA GLN B 151 25.56 -10.95 -1.41
C GLN B 151 24.26 -11.64 -0.99
N LEU B 152 23.18 -11.41 -1.75
CA LEU B 152 21.91 -12.04 -1.42
C LEU B 152 22.03 -13.55 -1.56
N PRO B 153 21.32 -14.30 -0.71
CA PRO B 153 21.37 -15.77 -0.76
C PRO B 153 20.88 -16.40 -2.06
N ARG B 154 21.41 -17.60 -2.34
CA ARG B 154 21.03 -18.36 -3.52
C ARG B 154 20.26 -19.61 -3.07
N SER B 155 20.17 -19.76 -1.74
CA SER B 155 19.43 -20.85 -1.10
C SER B 155 19.60 -20.67 0.41
N GLU B 156 18.61 -21.10 1.18
CA GLU B 156 18.65 -20.94 2.64
C GLU B 156 18.00 -22.04 3.42
N SER B 157 18.60 -22.40 4.55
CA SER B 157 18.02 -23.37 5.46
C SER B 157 17.14 -22.47 6.33
N LEU B 158 16.26 -23.05 7.14
CA LEU B 158 15.42 -22.22 7.98
C LEU B 158 16.32 -21.44 8.94
N LYS B 159 17.43 -22.05 9.34
CA LYS B 159 18.38 -21.38 10.24
C LYS B 159 18.93 -20.12 9.54
N ASP B 160 19.26 -20.26 8.25
CA ASP B 160 19.76 -19.12 7.49
C ASP B 160 18.72 -18.00 7.48
N VAL B 161 17.46 -18.38 7.29
CA VAL B 161 16.37 -17.41 7.25
C VAL B 161 16.33 -16.64 8.57
N LEU B 162 16.35 -17.35 9.69
CA LEU B 162 16.31 -16.68 10.99
C LEU B 162 17.48 -15.72 11.16
N GLU B 163 18.65 -16.12 10.68
CA GLU B 163 19.82 -15.29 10.82
C GLU B 163 19.71 -13.96 10.07
N ARG B 164 18.99 -13.93 8.95
CA ARG B 164 18.84 -12.67 8.23
C ARG B 164 17.52 -11.96 8.57
N LEU B 165 16.59 -12.67 9.22
CA LEU B 165 15.32 -12.06 9.60
C LEU B 165 15.44 -11.42 10.99
N LEU B 166 16.16 -12.08 11.89
CA LEU B 166 16.32 -11.58 13.25
C LEU B 166 16.79 -10.12 13.33
N PRO B 167 17.80 -9.74 12.52
CA PRO B 167 18.27 -8.34 12.58
C PRO B 167 17.15 -7.34 12.29
N TYR B 168 16.24 -7.69 11.38
CA TYR B 168 15.14 -6.81 11.04
C TYR B 168 14.15 -6.75 12.18
N TRP B 169 13.91 -7.89 12.83
CA TRP B 169 13.00 -7.92 13.97
C TRP B 169 13.59 -7.06 15.08
N ASN B 170 14.85 -7.29 15.41
CA ASN B 170 15.55 -6.56 16.46
C ASN B 170 15.63 -5.05 16.22
N GLU B 171 16.05 -4.67 15.02
CA GLU B 171 16.22 -3.26 14.68
C GLU B 171 14.99 -2.45 14.34
N ARG B 172 14.05 -3.03 13.60
CA ARG B 172 12.88 -2.29 13.18
C ARG B 172 11.53 -2.62 13.81
N ILE B 173 11.22 -3.91 13.95
CA ILE B 173 9.92 -4.30 14.47
C ILE B 173 9.78 -4.30 16.00
N ALA B 174 10.71 -4.98 16.67
CA ALA B 174 10.68 -5.08 18.13
C ALA B 174 10.53 -3.73 18.84
N PRO B 175 11.29 -2.71 18.41
CA PRO B 175 11.18 -1.40 19.07
C PRO B 175 9.76 -0.83 19.03
N GLU B 176 9.08 -1.04 17.92
CA GLU B 176 7.71 -0.55 17.77
C GLU B 176 6.75 -1.31 18.67
N VAL B 177 6.94 -2.61 18.80
CA VAL B 177 6.08 -3.41 19.66
C VAL B 177 6.26 -2.93 21.10
N LEU B 178 7.50 -2.66 21.48
CA LEU B 178 7.82 -2.20 22.83
C LEU B 178 7.18 -0.85 23.14
N ARG B 179 6.95 -0.03 22.11
CA ARG B 179 6.34 1.27 22.31
C ARG B 179 4.85 1.12 22.56
N GLY B 180 4.33 -0.07 22.28
CA GLY B 180 2.91 -0.33 22.47
C GLY B 180 2.12 -0.28 21.19
N LYS B 181 2.80 -0.22 20.06
CA LYS B 181 2.12 -0.17 18.76
C LYS B 181 1.57 -1.54 18.39
N THR B 182 0.43 -1.56 17.69
CA THR B 182 -0.20 -2.80 17.25
C THR B 182 0.34 -3.07 15.85
N ILE B 183 1.11 -4.14 15.72
CA ILE B 183 1.76 -4.49 14.48
C ILE B 183 1.17 -5.67 13.73
N LEU B 184 1.20 -5.58 12.39
CA LEU B 184 0.76 -6.65 11.51
C LEU B 184 1.96 -7.03 10.68
N ILE B 185 2.30 -8.32 10.66
CA ILE B 185 3.41 -8.80 9.85
C ILE B 185 2.82 -9.74 8.81
N SER B 186 2.87 -9.31 7.56
CA SER B 186 2.35 -10.11 6.45
C SER B 186 3.56 -10.73 5.77
N ALA B 187 3.75 -12.03 5.97
CA ALA B 187 4.90 -12.70 5.40
C ALA B 187 4.63 -14.02 4.71
N HIS B 188 5.52 -14.99 4.92
CA HIS B 188 5.42 -16.28 4.25
C HIS B 188 5.46 -17.47 5.19
N GLY B 189 5.26 -18.67 4.64
CA GLY B 189 5.25 -19.87 5.44
C GLY B 189 6.48 -20.12 6.29
N ASN B 190 7.64 -20.15 5.65
CA ASN B 190 8.86 -20.42 6.40
C ASN B 190 9.47 -19.21 7.09
N SER B 191 9.33 -18.02 6.51
CA SER B 191 9.90 -16.87 7.21
C SER B 191 9.10 -16.64 8.49
N SER B 192 7.80 -16.96 8.47
CA SER B 192 6.97 -16.81 9.66
C SER B 192 7.35 -17.90 10.67
N ARG B 193 7.64 -19.11 10.20
CA ARG B 193 8.03 -20.19 11.10
C ARG B 193 9.32 -19.79 11.81
N ALA B 194 10.21 -19.14 11.08
CA ALA B 194 11.48 -18.70 11.66
C ALA B 194 11.23 -17.72 12.81
N LEU B 195 10.36 -16.72 12.60
CA LEU B 195 10.08 -15.75 13.65
C LEU B 195 9.37 -16.40 14.84
N LEU B 196 8.46 -17.35 14.57
CA LEU B 196 7.77 -18.03 15.66
C LEU B 196 8.77 -18.82 16.49
N LYS B 197 9.73 -19.44 15.83
CA LYS B 197 10.74 -20.22 16.54
C LYS B 197 11.47 -19.33 17.54
N HIS B 198 11.76 -18.11 17.13
CA HIS B 198 12.46 -17.15 17.98
C HIS B 198 11.60 -16.65 19.13
N LEU B 199 10.41 -16.15 18.82
CA LEU B 199 9.51 -15.62 19.83
C LEU B 199 9.05 -16.64 20.87
N GLU B 200 8.76 -17.86 20.43
CA GLU B 200 8.29 -18.90 21.34
C GLU B 200 9.41 -19.77 21.89
N GLY B 201 10.64 -19.55 21.45
CA GLY B 201 11.74 -20.35 21.93
C GLY B 201 11.56 -21.82 21.59
N ILE B 202 11.11 -22.09 20.37
CA ILE B 202 10.90 -23.47 19.91
C ILE B 202 12.25 -24.12 19.57
N SER B 203 12.41 -25.38 19.98
CA SER B 203 13.66 -26.09 19.74
C SER B 203 13.89 -26.39 18.27
N ASP B 204 15.13 -26.68 17.93
CA ASP B 204 15.49 -27.01 16.55
C ASP B 204 14.70 -28.23 16.11
N GLU B 205 14.38 -29.10 17.07
CA GLU B 205 13.63 -30.32 16.77
C GLU B 205 12.14 -30.08 16.58
N ASP B 206 11.53 -29.33 17.49
CA ASP B 206 10.09 -29.07 17.41
C ASP B 206 9.61 -28.16 16.29
N ILE B 207 10.48 -27.28 15.80
CA ILE B 207 10.07 -26.37 14.74
C ILE B 207 9.70 -27.12 13.46
N ILE B 208 10.22 -28.34 13.33
CA ILE B 208 9.95 -29.16 12.16
C ILE B 208 8.46 -29.52 12.03
N ASN B 209 7.77 -29.58 13.16
CA ASN B 209 6.36 -29.93 13.18
C ASN B 209 5.39 -28.76 13.01
N ILE B 210 5.92 -27.55 12.88
CA ILE B 210 5.08 -26.38 12.70
C ILE B 210 4.85 -26.08 11.22
N THR B 211 3.59 -26.12 10.81
CA THR B 211 3.20 -25.83 9.44
C THR B 211 2.12 -24.74 9.47
N LEU B 212 2.29 -23.71 8.65
CA LEU B 212 1.34 -22.60 8.63
C LEU B 212 0.50 -22.56 7.36
N PRO B 213 -0.82 -22.37 7.50
CA PRO B 213 -1.74 -22.31 6.37
C PRO B 213 -1.76 -20.90 5.78
N THR B 214 -2.10 -20.78 4.50
CA THR B 214 -2.16 -19.48 3.87
C THR B 214 -3.37 -18.68 4.36
N GLY B 215 -3.18 -17.37 4.48
CA GLY B 215 -4.26 -16.48 4.87
C GLY B 215 -4.98 -16.70 6.19
N VAL B 216 -4.27 -17.06 7.24
CA VAL B 216 -4.91 -17.25 8.55
C VAL B 216 -4.18 -16.40 9.57
N PRO B 217 -4.90 -15.46 10.21
CA PRO B 217 -4.26 -14.59 11.21
C PRO B 217 -3.72 -15.38 12.41
N ILE B 218 -2.51 -15.03 12.82
CA ILE B 218 -1.87 -15.67 13.97
C ILE B 218 -1.62 -14.63 15.05
N LEU B 219 -2.20 -14.84 16.22
CA LEU B 219 -2.04 -13.94 17.35
C LEU B 219 -0.89 -14.39 18.24
N LEU B 220 0.01 -13.45 18.53
CA LEU B 220 1.16 -13.71 19.39
C LEU B 220 1.10 -12.77 20.58
N GLU B 221 1.11 -13.33 21.78
CA GLU B 221 1.09 -12.52 22.99
C GLU B 221 2.49 -12.53 23.57
N LEU B 222 3.07 -11.34 23.72
CA LEU B 222 4.42 -11.21 24.23
C LEU B 222 4.49 -10.49 25.57
N ASP B 223 5.52 -10.79 26.34
CA ASP B 223 5.70 -10.15 27.64
C ASP B 223 6.64 -8.96 27.47
N GLU B 224 7.05 -8.37 28.59
CA GLU B 224 7.93 -7.21 28.59
C GLU B 224 9.26 -7.46 27.87
N ASN B 225 9.66 -8.72 27.78
CA ASN B 225 10.92 -9.07 27.12
C ASN B 225 10.67 -9.56 25.70
N LEU B 226 9.44 -9.36 25.24
CA LEU B 226 9.03 -9.77 23.90
C LEU B 226 9.09 -11.28 23.69
N ARG B 227 8.85 -12.03 24.76
CA ARG B 227 8.84 -13.48 24.69
C ARG B 227 7.39 -13.93 24.74
N ALA B 228 7.03 -14.91 23.92
CA ALA B 228 5.67 -15.40 23.89
C ALA B 228 5.26 -15.92 25.27
N VAL B 229 4.07 -15.52 25.73
CA VAL B 229 3.58 -15.96 27.03
C VAL B 229 2.87 -17.31 26.89
N GLY B 230 2.60 -17.68 25.65
CA GLY B 230 1.93 -18.95 25.36
C GLY B 230 2.13 -19.26 23.89
N PRO B 231 1.68 -20.42 23.40
CA PRO B 231 1.85 -20.78 21.99
C PRO B 231 1.04 -19.86 21.08
N HIS B 232 1.49 -19.70 19.84
CA HIS B 232 0.77 -18.86 18.90
C HIS B 232 -0.66 -19.36 18.78
N GLN B 233 -1.59 -18.45 18.46
CA GLN B 233 -2.99 -18.79 18.34
C GLN B 233 -3.55 -18.42 16.99
N PHE B 234 -4.01 -19.41 16.23
CA PHE B 234 -4.61 -19.12 14.93
C PHE B 234 -6.01 -18.61 15.22
N LEU B 235 -6.35 -17.44 14.69
CA LEU B 235 -7.66 -16.85 14.94
C LEU B 235 -8.72 -17.33 13.98
N GLY B 236 -9.71 -18.05 14.53
CA GLY B 236 -10.80 -18.57 13.72
C GLY B 236 -11.19 -19.95 14.18
N ASP B 237 -11.94 -20.67 13.34
CA ASP B 237 -12.38 -22.03 13.65
C ASP B 237 -11.19 -22.98 13.56
N GLN B 238 -10.82 -23.59 14.69
CA GLN B 238 -9.69 -24.49 14.74
C GLN B 238 -9.79 -25.71 13.84
N GLU B 239 -11.01 -26.20 13.62
CA GLU B 239 -11.21 -27.36 12.77
C GLU B 239 -10.84 -27.04 11.32
N ALA B 240 -11.35 -25.92 10.81
CA ALA B 240 -11.08 -25.49 9.45
C ALA B 240 -9.61 -25.13 9.27
N ILE B 241 -9.05 -24.47 10.28
CA ILE B 241 -7.65 -24.07 10.23
C ILE B 241 -6.76 -25.31 10.24
N GLN B 242 -7.10 -26.29 11.07
CA GLN B 242 -6.32 -27.51 11.13
C GLN B 242 -6.40 -28.24 9.80
N ALA B 243 -7.56 -28.14 9.15
CA ALA B 243 -7.74 -28.79 7.85
C ALA B 243 -6.86 -28.12 6.80
N ALA B 244 -6.70 -26.80 6.90
CA ALA B 244 -5.88 -26.05 5.96
C ALA B 244 -4.40 -26.41 6.20
N ILE B 245 -4.06 -26.68 7.45
CA ILE B 245 -2.70 -27.06 7.79
C ILE B 245 -2.40 -28.44 7.22
N LYS B 246 -3.37 -29.35 7.34
CA LYS B 246 -3.22 -30.69 6.81
C LYS B 246 -3.04 -30.61 5.30
N LYS B 247 -3.73 -29.66 4.68
CA LYS B 247 -3.65 -29.47 3.23
C LYS B 247 -2.20 -29.15 2.85
N VAL B 248 -1.56 -28.28 3.62
CA VAL B 248 -0.18 -27.91 3.35
C VAL B 248 0.75 -29.11 3.53
N GLU B 249 0.52 -29.88 4.59
CA GLU B 249 1.34 -31.06 4.85
C GLU B 249 1.18 -32.07 3.72
N ASP B 250 -0.06 -32.24 3.25
CA ASP B 250 -0.33 -33.20 2.18
C ASP B 250 0.21 -32.82 0.81
N GLN B 251 0.71 -31.59 0.68
CA GLN B 251 1.28 -31.17 -0.60
C GLN B 251 2.49 -32.04 -0.91
N GLY B 252 3.12 -32.55 0.15
CA GLY B 252 4.30 -33.38 -0.02
C GLY B 252 4.03 -34.86 0.07
N LYS B 253 2.76 -35.27 -0.07
CA LYS B 253 2.39 -36.67 0.01
C LYS B 253 1.85 -37.17 -1.32
N VAL B 254 2.10 -38.46 -1.60
CA VAL B 254 1.63 -39.07 -2.84
C VAL B 254 0.22 -39.62 -2.66
N LYS B 255 -0.74 -38.91 -3.27
CA LYS B 255 -2.15 -39.30 -3.19
C LYS B 255 -3.03 -38.18 -3.73
#